data_8WFL
#
_entry.id   8WFL
#
_cell.length_a   1.00
_cell.length_b   1.00
_cell.length_c   1.00
_cell.angle_alpha   90.00
_cell.angle_beta   90.00
_cell.angle_gamma   90.00
#
_symmetry.space_group_name_H-M   'P 1'
#
loop_
_entity.id
_entity.type
_entity.pdbx_description
1 polymer 'Sodium- and chloride-dependent glycine transporter 1'
2 non-polymer PF-3463275
#
_entity_poly.entity_id   1
_entity_poly.type   'polypeptide(L)'
_entity_poly.pdbx_seq_one_letter_code
;MSGGDTRAAIARPRMAAAHGPVAPSSPEQNGAVPSEATKRDQNLKRGNWGNQIEFVLTSVGYAVGLGNVWRFPYLCYRNG
GGAFMFPYFIMLIFCGIPLFFMELSFGQFASQGCLGVWRISPMFKGVGYGMMVVSTYIGIYYNVVICIAFYYFFSSMTHV
LPWAYCNNPWNTHDCAGVLDASNLTNGSRPAALPSNLSHLLNHSLQRTSPSEEYWRLYVLKLSDDIGNFGEVRLPLLGCL
GVSWLVVFLCLIRGVKSSGKVVYFTATFPYVVLTILFVRGVTLEGAFDGIMYYLTPQWDKILEAKVWGDAASQIFYSLGC
AWGGLITMASYNKFHNNCYRDSVIISITNCATSVYAGFVIFSILGFMANHLGVDVSRVADHGPGLAFVAYPEALTLLPIS
PLWSLLFFFMLILLGLGTQFCLLETLVTAIVDEVGNEWILQKKTYVTLGVAVAGFLLGIPLTSQAGIYWLLLMDNYAASF
SLVVISCIMCVAIMYIYGHRNYFQDIQMMLGFPPPLFFQICWRFVSPAIIFFILVFTVIQYQPITYNHYQYPGWAVAIGF
LMALSSVLCIPLYAMFRLCRTDGDTLLQRLKNATKPSRDWGPALLEHRTGRYAPTIAPSPEDGFEVQPLHPDKAQIPIVG
SNGSSRLQDSRI
;
_entity_poly.pdbx_strand_id   A
#
# COMPACT_ATOMS: atom_id res chain seq x y z
N LEU A 44 12.93 26.57 2.20
CA LEU A 44 12.96 27.31 3.45
C LEU A 44 11.61 27.25 4.16
N LYS A 45 10.59 27.81 3.52
CA LYS A 45 9.23 27.81 4.06
C LYS A 45 8.44 26.59 3.64
N ARG A 46 9.11 25.54 3.16
CA ARG A 46 8.42 24.29 2.86
C ARG A 46 7.82 23.66 4.10
N GLY A 47 8.36 23.98 5.28
CA GLY A 47 7.83 23.47 6.52
C GLY A 47 8.55 22.21 6.98
N ASN A 48 8.54 21.99 8.29
CA ASN A 48 9.11 20.80 8.89
C ASN A 48 8.09 20.18 9.83
N TRP A 49 8.36 18.94 10.22
CA TRP A 49 7.43 18.23 11.12
C TRP A 49 7.34 18.93 12.46
N GLY A 50 8.46 19.37 13.02
CA GLY A 50 8.50 19.96 14.33
C GLY A 50 8.58 18.98 15.48
N ASN A 51 7.93 17.83 15.36
CA ASN A 51 8.02 16.78 16.36
C ASN A 51 8.26 15.46 15.64
N GLN A 52 9.30 14.73 16.06
CA GLN A 52 9.61 13.46 15.41
C GLN A 52 8.51 12.43 15.61
N ILE A 53 7.76 12.52 16.71
CA ILE A 53 6.64 11.61 16.91
C ILE A 53 5.63 11.76 15.78
N GLU A 54 5.44 13.00 15.31
CA GLU A 54 4.53 13.25 14.20
C GLU A 54 4.96 12.48 12.96
N PHE A 55 6.25 12.55 12.63
CA PHE A 55 6.78 11.83 11.47
C PHE A 55 6.65 10.32 11.65
N VAL A 56 6.98 9.82 12.84
CA VAL A 56 6.90 8.37 13.07
C VAL A 56 5.46 7.90 12.90
N LEU A 57 4.50 8.64 13.47
CA LEU A 57 3.10 8.22 13.38
C LEU A 57 2.60 8.28 11.94
N THR A 58 2.93 9.35 11.20
CA THR A 58 2.49 9.43 9.81
C THR A 58 3.08 8.30 8.97
N SER A 59 4.37 8.02 9.16
CA SER A 59 5.01 6.93 8.42
C SER A 59 4.40 5.59 8.76
N VAL A 60 4.12 5.35 10.05
CA VAL A 60 3.50 4.10 10.46
C VAL A 60 2.12 3.96 9.85
N GLY A 61 1.34 5.04 9.85
CA GLY A 61 0.02 4.99 9.25
C GLY A 61 0.08 4.69 7.77
N TYR A 62 1.07 5.24 7.07
CA TYR A 62 1.23 4.91 5.65
C TYR A 62 1.65 3.46 5.45
N ALA A 63 2.58 2.98 6.28
CA ALA A 63 3.10 1.62 6.09
C ALA A 63 2.02 0.57 6.33
N VAL A 64 1.20 0.77 7.36
CA VAL A 64 0.14 -0.18 7.68
C VAL A 64 -1.06 0.14 6.80
N GLY A 65 -1.32 -0.70 5.80
CA GLY A 65 -2.45 -0.54 4.92
C GLY A 65 -3.47 -1.65 5.09
N LEU A 66 -4.36 -1.74 4.10
CA LEU A 66 -5.37 -2.79 4.11
C LEU A 66 -4.79 -4.15 3.79
N GLY A 67 -3.59 -4.21 3.23
CA GLY A 67 -2.96 -5.49 2.96
C GLY A 67 -2.68 -6.28 4.22
N ASN A 68 -2.27 -5.59 5.29
CA ASN A 68 -2.00 -6.26 6.55
C ASN A 68 -3.24 -6.88 7.17
N VAL A 69 -4.43 -6.52 6.69
CA VAL A 69 -5.67 -7.05 7.25
C VAL A 69 -6.10 -8.32 6.54
N TRP A 70 -6.20 -8.29 5.21
CA TRP A 70 -6.69 -9.45 4.47
C TRP A 70 -5.61 -10.25 3.75
N ARG A 71 -4.56 -9.59 3.25
CA ARG A 71 -3.58 -10.28 2.43
C ARG A 71 -2.64 -11.16 3.26
N PHE A 72 -2.23 -10.68 4.43
CA PHE A 72 -1.22 -11.39 5.21
C PHE A 72 -1.76 -12.59 5.97
N PRO A 73 -2.89 -12.50 6.69
CA PRO A 73 -3.37 -13.70 7.41
C PRO A 73 -3.65 -14.88 6.49
N TYR A 74 -4.35 -14.65 5.37
CA TYR A 74 -4.62 -15.74 4.45
C TYR A 74 -3.34 -16.26 3.80
N LEU A 75 -2.40 -15.38 3.49
CA LEU A 75 -1.13 -15.83 2.92
C LEU A 75 -0.39 -16.72 3.91
N CYS A 76 -0.34 -16.32 5.18
CA CYS A 76 0.33 -17.13 6.19
C CYS A 76 -0.36 -18.47 6.37
N TYR A 77 -1.70 -18.48 6.34
CA TYR A 77 -2.42 -19.74 6.46
C TYR A 77 -2.14 -20.66 5.27
N ARG A 78 -2.18 -20.10 4.05
CA ARG A 78 -2.02 -20.91 2.84
C ARG A 78 -0.57 -21.33 2.66
N ASN A 79 0.36 -20.40 2.82
CA ASN A 79 1.79 -20.68 2.61
C ASN A 79 2.32 -21.43 3.82
N GLY A 80 2.20 -22.74 3.80
CA GLY A 80 2.63 -23.54 4.93
C GLY A 80 1.73 -23.30 6.12
N GLY A 81 2.33 -22.98 7.26
CA GLY A 81 1.57 -22.72 8.46
C GLY A 81 2.17 -21.61 9.30
N GLY A 82 2.34 -21.88 10.60
CA GLY A 82 2.96 -20.90 11.47
C GLY A 82 4.45 -20.78 11.34
N ALA A 83 5.08 -21.64 10.55
CA ALA A 83 6.51 -21.52 10.28
C ALA A 83 6.83 -20.46 9.24
N PHE A 84 5.82 -20.00 8.49
CA PHE A 84 6.03 -19.01 7.44
C PHE A 84 6.63 -17.71 7.99
N MET A 85 6.47 -17.46 9.29
CA MET A 85 7.06 -16.26 9.87
C MET A 85 8.58 -16.28 9.76
N PHE A 86 9.21 -17.46 9.77
CA PHE A 86 10.66 -17.51 9.62
C PHE A 86 11.12 -17.04 8.24
N PRO A 87 10.55 -17.51 7.13
CA PRO A 87 10.89 -16.86 5.84
C PRO A 87 10.50 -15.40 5.79
N TYR A 88 9.45 -15.00 6.51
CA TYR A 88 8.98 -13.62 6.50
C TYR A 88 9.99 -12.70 7.16
N PHE A 89 10.22 -12.89 8.46
CA PHE A 89 11.02 -11.95 9.23
C PHE A 89 12.45 -11.88 8.69
N ILE A 90 13.01 -13.03 8.32
CA ILE A 90 14.35 -13.05 7.73
C ILE A 90 14.39 -12.12 6.53
N MET A 91 13.38 -12.20 5.66
CA MET A 91 13.33 -11.30 4.52
C MET A 91 13.31 -9.85 4.98
N LEU A 92 12.50 -9.54 6.00
CA LEU A 92 12.47 -8.20 6.54
C LEU A 92 13.85 -7.74 6.99
N ILE A 93 14.64 -8.67 7.55
CA ILE A 93 15.98 -8.31 7.99
C ILE A 93 16.87 -8.00 6.79
N PHE A 94 16.70 -8.74 5.69
CA PHE A 94 17.62 -8.63 4.57
C PHE A 94 17.08 -7.84 3.39
N CYS A 95 15.76 -7.68 3.27
CA CYS A 95 15.17 -6.97 2.14
C CYS A 95 14.42 -5.72 2.55
N GLY A 96 13.49 -5.84 3.51
CA GLY A 96 12.65 -4.72 3.88
C GLY A 96 13.36 -3.59 4.59
N ILE A 97 14.02 -3.90 5.70
CA ILE A 97 14.67 -2.85 6.49
C ILE A 97 15.76 -2.13 5.72
N PRO A 98 16.66 -2.80 4.98
CA PRO A 98 17.67 -2.05 4.20
C PRO A 98 17.06 -1.11 3.18
N LEU A 99 16.04 -1.55 2.43
CA LEU A 99 15.42 -0.68 1.44
C LEU A 99 14.69 0.48 2.12
N PHE A 100 14.03 0.21 3.25
CA PHE A 100 13.36 1.27 3.99
C PHE A 100 14.36 2.31 4.46
N PHE A 101 15.50 1.86 4.99
CA PHE A 101 16.54 2.79 5.43
C PHE A 101 17.08 3.58 4.24
N MET A 102 17.27 2.93 3.10
CA MET A 102 17.77 3.62 1.92
C MET A 102 16.81 4.73 1.51
N GLU A 103 15.51 4.41 1.41
CA GLU A 103 14.53 5.41 1.00
C GLU A 103 14.45 6.56 2.01
N LEU A 104 14.44 6.23 3.31
CA LEU A 104 14.33 7.27 4.32
C LEU A 104 15.54 8.18 4.32
N SER A 105 16.75 7.61 4.23
CA SER A 105 17.94 8.44 4.15
C SER A 105 17.97 9.28 2.88
N PHE A 106 17.57 8.69 1.76
CA PHE A 106 17.49 9.43 0.50
C PHE A 106 16.61 10.66 0.66
N GLY A 107 15.39 10.47 1.16
CA GLY A 107 14.48 11.58 1.34
C GLY A 107 14.97 12.60 2.36
N GLN A 108 15.51 12.13 3.48
CA GLN A 108 15.91 13.03 4.55
C GLN A 108 17.09 13.90 4.12
N PHE A 109 18.08 13.32 3.45
CA PHE A 109 19.22 14.12 3.03
C PHE A 109 18.86 15.01 1.84
N ALA A 110 18.09 14.49 0.89
CA ALA A 110 17.77 15.27 -0.30
C ALA A 110 16.96 16.51 0.06
N SER A 111 16.03 16.38 1.00
CA SER A 111 15.11 17.47 1.37
C SER A 111 14.32 17.96 0.15
N GLN A 112 13.99 17.03 -0.75
CA GLN A 112 13.20 17.33 -1.93
C GLN A 112 12.20 16.20 -2.13
N GLY A 113 11.17 16.47 -2.93
CA GLY A 113 10.09 15.52 -3.11
C GLY A 113 10.43 14.29 -3.92
N CYS A 114 9.42 13.69 -4.55
CA CYS A 114 9.64 12.50 -5.37
C CYS A 114 10.53 12.78 -6.57
N LEU A 115 10.39 13.96 -7.18
CA LEU A 115 11.20 14.32 -8.34
C LEU A 115 12.55 14.90 -7.94
N GLY A 116 12.64 15.57 -6.79
CA GLY A 116 13.89 16.19 -6.42
C GLY A 116 14.98 15.18 -6.08
N VAL A 117 14.62 14.10 -5.39
CA VAL A 117 15.62 13.15 -4.92
C VAL A 117 16.51 12.67 -6.07
N TRP A 118 15.98 12.70 -7.30
CA TRP A 118 16.69 12.20 -8.45
C TRP A 118 17.59 13.23 -9.12
N ARG A 119 18.00 14.27 -8.40
CA ARG A 119 18.98 15.19 -8.97
C ARG A 119 20.41 14.66 -8.90
N ILE A 120 20.60 13.43 -8.39
CA ILE A 120 21.94 12.83 -8.38
C ILE A 120 22.42 12.59 -9.82
N SER A 121 21.67 11.80 -10.58
CA SER A 121 21.97 11.57 -11.98
C SER A 121 20.83 12.13 -12.82
N PRO A 122 21.02 13.25 -13.53
CA PRO A 122 19.91 13.82 -14.29
C PRO A 122 19.61 13.06 -15.57
N MET A 123 19.58 11.74 -15.47
CA MET A 123 19.18 10.83 -16.53
C MET A 123 18.13 9.83 -16.07
N PHE A 124 18.23 9.35 -14.83
CA PHE A 124 17.22 8.50 -14.24
C PHE A 124 16.11 9.28 -13.56
N LYS A 125 16.00 10.59 -13.85
CA LYS A 125 14.92 11.39 -13.27
C LYS A 125 13.56 10.86 -13.69
N GLY A 126 13.47 10.24 -14.87
CA GLY A 126 12.23 9.63 -15.29
C GLY A 126 11.73 8.58 -14.31
N VAL A 127 12.65 7.95 -13.57
CA VAL A 127 12.26 7.02 -12.52
C VAL A 127 11.31 7.71 -11.55
N GLY A 128 11.67 8.92 -11.11
CA GLY A 128 10.77 9.69 -10.28
C GLY A 128 9.43 9.92 -10.95
N TYR A 129 9.45 10.24 -12.25
CA TYR A 129 8.20 10.31 -13.01
C TYR A 129 7.41 9.03 -12.87
N GLY A 130 8.07 7.89 -13.06
CA GLY A 130 7.39 6.62 -12.86
C GLY A 130 6.86 6.48 -11.45
N MET A 131 7.63 6.92 -10.47
CA MET A 131 7.19 6.85 -9.08
C MET A 131 5.94 7.69 -8.87
N MET A 132 5.73 8.71 -9.70
CA MET A 132 4.46 9.44 -9.67
C MET A 132 3.34 8.62 -10.29
N VAL A 133 3.60 8.02 -11.46
CA VAL A 133 2.53 7.38 -12.23
C VAL A 133 1.90 6.25 -11.44
N VAL A 134 2.73 5.39 -10.85
CA VAL A 134 2.21 4.35 -9.97
C VAL A 134 1.45 4.98 -8.82
N SER A 135 2.03 6.02 -8.22
CA SER A 135 1.34 6.72 -7.13
C SER A 135 0.01 7.29 -7.59
N THR A 136 -0.13 7.57 -8.88
CA THR A 136 -1.43 7.94 -9.41
C THR A 136 -2.39 6.75 -9.39
N TYR A 137 -1.97 5.63 -9.99
CA TYR A 137 -2.87 4.51 -10.19
C TYR A 137 -3.44 4.02 -8.86
N ILE A 138 -2.56 3.79 -7.88
CA ILE A 138 -3.03 3.35 -6.57
C ILE A 138 -3.95 4.42 -5.97
N GLY A 139 -3.54 5.69 -6.07
CA GLY A 139 -4.37 6.76 -5.55
C GLY A 139 -5.72 6.84 -6.23
N ILE A 140 -5.86 6.20 -7.38
CA ILE A 140 -7.15 6.16 -8.06
C ILE A 140 -8.00 5.00 -7.53
N TYR A 141 -7.39 3.83 -7.30
CA TYR A 141 -8.17 2.66 -6.91
C TYR A 141 -8.06 2.33 -5.42
N TYR A 142 -7.37 3.15 -4.64
CA TYR A 142 -7.38 2.95 -3.20
C TYR A 142 -8.65 3.55 -2.58
N ASN A 143 -8.92 4.82 -2.90
CA ASN A 143 -10.09 5.50 -2.33
C ASN A 143 -11.37 4.74 -2.62
N VAL A 144 -11.47 4.14 -3.81
CA VAL A 144 -12.67 3.38 -4.16
C VAL A 144 -12.91 2.29 -3.13
N VAL A 145 -11.84 1.57 -2.75
CA VAL A 145 -11.97 0.56 -1.69
C VAL A 145 -12.52 1.22 -0.43
N ILE A 146 -11.91 2.34 -0.03
CA ILE A 146 -12.43 3.11 1.10
C ILE A 146 -13.89 3.43 0.87
N CYS A 147 -14.21 3.89 -0.35
CA CYS A 147 -15.59 4.16 -0.73
C CYS A 147 -16.48 2.98 -0.42
N ILE A 148 -16.07 1.79 -0.85
CA ILE A 148 -16.87 0.60 -0.58
C ILE A 148 -17.03 0.43 0.93
N ALA A 149 -15.91 0.52 1.66
CA ALA A 149 -15.99 0.41 3.11
C ALA A 149 -16.87 1.51 3.68
N PHE A 150 -16.84 2.70 3.08
CA PHE A 150 -17.69 3.78 3.56
C PHE A 150 -19.16 3.40 3.41
N TYR A 151 -19.52 2.78 2.29
CA TYR A 151 -20.91 2.34 2.14
C TYR A 151 -21.26 1.26 3.14
N TYR A 152 -20.27 0.51 3.62
CA TYR A 152 -20.51 -0.48 4.65
C TYR A 152 -20.52 0.11 6.06
N PHE A 153 -20.20 1.40 6.19
CA PHE A 153 -20.21 2.02 7.51
C PHE A 153 -21.62 2.51 7.88
N PHE A 154 -22.17 3.40 7.05
CA PHE A 154 -23.50 3.94 7.34
C PHE A 154 -24.54 2.83 7.36
N SER A 155 -24.45 1.89 6.41
CA SER A 155 -25.38 0.77 6.37
C SER A 155 -25.32 -0.08 7.62
N SER A 156 -24.29 0.08 8.45
CA SER A 156 -24.15 -0.67 9.69
C SER A 156 -24.69 0.07 10.91
N MET A 157 -25.29 1.24 10.73
CA MET A 157 -25.88 1.94 11.87
C MET A 157 -27.31 1.54 12.15
N THR A 158 -27.88 0.61 11.38
CA THR A 158 -29.25 0.18 11.63
C THR A 158 -29.30 -0.84 12.75
N HIS A 159 -30.51 -1.03 13.29
CA HIS A 159 -30.68 -1.89 14.46
C HIS A 159 -30.36 -3.35 14.13
N VAL A 160 -30.91 -3.85 13.03
CA VAL A 160 -30.68 -5.22 12.59
C VAL A 160 -29.91 -5.18 11.28
N LEU A 161 -28.80 -5.90 11.23
CA LEU A 161 -27.91 -5.80 10.08
C LEU A 161 -28.63 -6.23 8.81
N PRO A 162 -28.36 -5.58 7.67
CA PRO A 162 -29.08 -5.92 6.45
C PRO A 162 -28.54 -7.14 5.73
N TRP A 163 -27.30 -7.55 5.99
CA TRP A 163 -26.70 -8.72 5.35
C TRP A 163 -26.71 -9.94 6.27
N ALA A 164 -27.77 -10.10 7.06
CA ALA A 164 -27.85 -11.19 8.03
C ALA A 164 -29.02 -12.13 7.77
N TYR A 165 -30.18 -11.61 7.37
CA TYR A 165 -31.39 -12.41 7.23
C TYR A 165 -31.78 -12.52 5.76
N CYS A 166 -32.29 -13.69 5.37
CA CYS A 166 -32.81 -13.89 4.03
C CYS A 166 -34.33 -13.73 4.02
N ASN A 167 -34.74 -12.48 4.19
CA ASN A 167 -36.13 -12.08 3.97
C ASN A 167 -36.23 -10.86 3.09
N ASN A 168 -35.10 -10.36 2.60
CA ASN A 168 -34.99 -9.17 1.78
C ASN A 168 -35.37 -9.47 0.32
N PRO A 169 -35.74 -8.45 -0.45
CA PRO A 169 -36.22 -8.69 -1.81
C PRO A 169 -35.14 -8.86 -2.87
N TRP A 170 -33.87 -8.65 -2.53
CA TRP A 170 -32.79 -8.92 -3.47
C TRP A 170 -32.17 -10.30 -3.29
N ASN A 171 -32.78 -11.16 -2.49
CA ASN A 171 -32.23 -12.49 -2.29
C ASN A 171 -32.61 -13.41 -3.45
N THR A 172 -32.02 -14.60 -3.45
CA THR A 172 -32.35 -15.64 -4.42
C THR A 172 -32.69 -16.93 -3.70
N HIS A 173 -32.81 -18.02 -4.44
CA HIS A 173 -33.12 -19.32 -3.87
C HIS A 173 -31.93 -19.95 -3.15
N ASP A 174 -30.74 -19.36 -3.27
CA ASP A 174 -29.50 -19.94 -2.76
C ASP A 174 -28.99 -19.20 -1.53
N CYS A 175 -29.88 -18.81 -0.62
CA CYS A 175 -29.52 -17.96 0.51
C CYS A 175 -29.43 -18.74 1.82
N ALA A 176 -29.02 -19.99 1.78
CA ALA A 176 -28.94 -20.80 2.99
C ALA A 176 -27.77 -20.31 3.84
N GLY A 177 -28.08 -19.50 4.85
CA GLY A 177 -27.08 -18.95 5.74
C GLY A 177 -27.16 -19.57 7.14
N VAL A 178 -26.18 -19.19 7.96
CA VAL A 178 -26.13 -19.71 9.33
C VAL A 178 -27.24 -19.10 10.17
N LEU A 179 -27.44 -17.79 10.06
CA LEU A 179 -28.49 -17.09 10.81
C LEU A 179 -29.82 -17.15 10.07
N ASP A 180 -30.25 -18.36 9.72
CA ASP A 180 -31.49 -18.59 8.98
C ASP A 180 -32.47 -19.37 9.82
N ALA A 181 -32.61 -18.99 11.10
CA ALA A 181 -33.54 -19.69 11.98
C ALA A 181 -34.98 -19.57 11.49
N SER A 182 -35.36 -18.39 11.01
CA SER A 182 -36.71 -18.18 10.51
C SER A 182 -36.74 -17.06 9.47
N ASN A 202 -23.22 -22.51 -7.30
CA ASN A 202 -23.10 -23.83 -6.71
C ASN A 202 -21.64 -24.13 -6.34
N HIS A 203 -21.24 -23.75 -5.13
CA HIS A 203 -19.88 -24.03 -4.69
C HIS A 203 -19.69 -25.51 -4.39
N SER A 204 -20.42 -26.03 -3.40
CA SER A 204 -20.49 -27.47 -3.16
C SER A 204 -21.88 -28.02 -3.43
N LEU A 205 -22.89 -27.53 -2.72
CA LEU A 205 -24.28 -27.75 -3.10
C LEU A 205 -25.04 -26.44 -3.31
N GLN A 206 -25.09 -25.59 -2.27
CA GLN A 206 -25.72 -24.28 -2.34
C GLN A 206 -24.93 -23.25 -1.55
N ARG A 207 -23.61 -23.41 -1.47
CA ARG A 207 -22.78 -22.65 -0.55
C ARG A 207 -22.62 -21.22 -1.05
N THR A 208 -23.68 -20.44 -0.90
CA THR A 208 -23.68 -19.00 -1.18
C THR A 208 -24.24 -18.31 0.06
N SER A 209 -23.35 -17.81 0.92
CA SER A 209 -23.78 -17.18 2.16
C SER A 209 -24.48 -15.86 1.87
N PRO A 210 -25.36 -15.41 2.77
CA PRO A 210 -26.09 -14.16 2.53
C PRO A 210 -25.20 -12.94 2.35
N SER A 211 -24.03 -12.91 2.97
CA SER A 211 -23.13 -11.77 2.81
C SER A 211 -22.65 -11.64 1.36
N GLU A 212 -22.28 -12.77 0.74
CA GLU A 212 -21.88 -12.74 -0.66
C GLU A 212 -23.03 -12.30 -1.55
N GLU A 213 -24.25 -12.76 -1.24
CA GLU A 213 -25.41 -12.34 -2.02
C GLU A 213 -25.64 -10.83 -1.90
N TYR A 214 -25.51 -10.29 -0.69
CA TYR A 214 -25.68 -8.86 -0.50
C TYR A 214 -24.62 -8.07 -1.24
N TRP A 215 -23.37 -8.53 -1.19
CA TRP A 215 -22.29 -7.83 -1.89
C TRP A 215 -22.47 -7.89 -3.40
N ARG A 216 -22.88 -9.03 -3.93
CA ARG A 216 -22.97 -9.20 -5.37
C ARG A 216 -24.23 -8.55 -5.95
N LEU A 217 -25.29 -8.43 -5.17
CA LEU A 217 -26.58 -8.02 -5.71
C LEU A 217 -27.07 -6.66 -5.27
N TYR A 218 -26.55 -6.10 -4.18
CA TYR A 218 -27.00 -4.79 -3.74
C TYR A 218 -25.89 -3.75 -3.66
N VAL A 219 -24.73 -4.11 -3.12
CA VAL A 219 -23.64 -3.14 -3.04
C VAL A 219 -23.20 -2.71 -4.44
N LEU A 220 -23.05 -3.67 -5.34
CA LEU A 220 -22.79 -3.38 -6.75
C LEU A 220 -23.32 -4.55 -7.56
N LYS A 221 -24.22 -4.26 -8.50
CA LYS A 221 -24.79 -5.29 -9.35
C LYS A 221 -23.72 -5.75 -10.34
N LEU A 222 -23.13 -6.91 -10.06
CA LEU A 222 -22.05 -7.41 -10.90
C LEU A 222 -22.54 -7.73 -12.29
N SER A 223 -21.70 -7.46 -13.28
CA SER A 223 -21.99 -7.74 -14.67
C SER A 223 -21.22 -8.97 -15.14
N ASP A 224 -21.67 -9.54 -16.25
CA ASP A 224 -21.01 -10.73 -16.80
C ASP A 224 -19.69 -10.38 -17.48
N ASP A 225 -19.74 -9.52 -18.48
CA ASP A 225 -18.56 -9.17 -19.25
C ASP A 225 -17.87 -7.96 -18.61
N ILE A 226 -16.87 -7.42 -19.30
CA ILE A 226 -16.15 -6.25 -18.83
C ILE A 226 -16.64 -4.98 -19.54
N GLY A 227 -17.00 -5.08 -20.80
CA GLY A 227 -17.52 -3.96 -21.55
C GLY A 227 -18.94 -3.56 -21.21
N ASN A 228 -19.62 -4.34 -20.37
CA ASN A 228 -20.97 -4.03 -19.93
C ASN A 228 -20.89 -2.96 -18.84
N PHE A 229 -21.19 -1.72 -19.21
CA PHE A 229 -21.19 -0.59 -18.28
C PHE A 229 -22.60 -0.04 -18.21
N GLY A 230 -23.30 -0.32 -17.12
CA GLY A 230 -24.64 0.20 -16.89
C GLY A 230 -24.61 1.53 -16.18
N GLU A 231 -25.72 1.85 -15.53
CA GLU A 231 -25.80 3.08 -14.75
C GLU A 231 -24.85 3.02 -13.56
N VAL A 232 -24.18 4.14 -13.30
CA VAL A 232 -23.18 4.18 -12.23
C VAL A 232 -23.86 3.99 -10.89
N ARG A 233 -23.18 3.30 -9.98
CA ARG A 233 -23.73 3.05 -8.64
C ARG A 233 -23.77 4.36 -7.86
N LEU A 234 -24.98 4.90 -7.68
CA LEU A 234 -25.13 6.17 -6.97
C LEU A 234 -24.62 6.13 -5.54
N PRO A 235 -24.94 5.12 -4.71
CA PRO A 235 -24.36 5.10 -3.36
C PRO A 235 -22.84 5.08 -3.37
N LEU A 236 -22.23 4.34 -4.30
CA LEU A 236 -20.78 4.33 -4.37
C LEU A 236 -20.24 5.67 -4.85
N LEU A 237 -20.95 6.33 -5.76
CA LEU A 237 -20.52 7.66 -6.18
C LEU A 237 -20.54 8.62 -4.99
N GLY A 238 -21.60 8.58 -4.19
CA GLY A 238 -21.67 9.45 -3.02
C GLY A 238 -20.59 9.14 -2.00
N CYS A 239 -20.34 7.85 -1.75
CA CYS A 239 -19.31 7.48 -0.78
C CYS A 239 -17.92 7.89 -1.27
N LEU A 240 -17.64 7.73 -2.56
CA LEU A 240 -16.36 8.17 -3.11
C LEU A 240 -16.21 9.68 -2.98
N GLY A 241 -17.29 10.42 -3.27
CA GLY A 241 -17.22 11.86 -3.10
C GLY A 241 -16.96 12.26 -1.66
N VAL A 242 -17.61 11.58 -0.71
CA VAL A 242 -17.40 11.88 0.70
C VAL A 242 -15.96 11.58 1.09
N SER A 243 -15.42 10.45 0.62
CA SER A 243 -14.05 10.09 0.95
C SER A 243 -13.06 11.11 0.41
N TRP A 244 -13.22 11.51 -0.84
CA TRP A 244 -12.31 12.51 -1.42
C TRP A 244 -12.43 13.84 -0.71
N LEU A 245 -13.66 14.24 -0.36
CA LEU A 245 -13.85 15.49 0.37
C LEU A 245 -13.17 15.44 1.73
N VAL A 246 -13.28 14.30 2.43
CA VAL A 246 -12.65 14.16 3.73
C VAL A 246 -11.13 14.26 3.59
N VAL A 247 -10.57 13.58 2.59
CA VAL A 247 -9.12 13.62 2.39
C VAL A 247 -8.66 15.04 2.10
N PHE A 248 -9.37 15.74 1.22
CA PHE A 248 -8.98 17.11 0.90
C PHE A 248 -9.10 18.03 2.10
N LEU A 249 -10.20 17.94 2.84
CA LEU A 249 -10.40 18.80 4.00
C LEU A 249 -9.39 18.54 5.10
N CYS A 250 -8.93 17.30 5.27
CA CYS A 250 -7.83 17.02 6.18
C CYS A 250 -6.49 17.49 5.66
N LEU A 251 -6.26 17.47 4.35
CA LEU A 251 -4.98 17.82 3.78
C LEU A 251 -4.86 19.29 3.38
N ILE A 252 -5.60 20.17 4.06
CA ILE A 252 -5.68 21.56 3.63
C ILE A 252 -4.36 22.30 3.87
N ARG A 253 -3.56 21.80 4.82
CA ARG A 253 -2.32 22.40 5.30
C ARG A 253 -2.54 23.76 5.94
N GLY A 254 -3.78 24.18 6.19
CA GLY A 254 -4.00 25.42 6.88
C GLY A 254 -3.43 25.40 8.29
N VAL A 255 -3.61 24.28 8.99
CA VAL A 255 -3.00 24.08 10.28
C VAL A 255 -1.71 23.28 10.19
N LYS A 256 -1.72 22.21 9.38
CA LYS A 256 -0.57 21.32 9.27
C LYS A 256 -0.79 20.37 8.10
N SER A 257 0.31 19.80 7.61
CA SER A 257 0.30 18.80 6.53
C SER A 257 -0.17 17.46 7.10
N SER A 258 -1.42 17.46 7.58
CA SER A 258 -2.05 16.29 8.17
C SER A 258 -1.25 15.81 9.38
N GLY A 259 -0.61 16.75 10.09
CA GLY A 259 0.26 16.36 11.18
C GLY A 259 -0.48 15.97 12.45
N LYS A 260 -1.25 16.90 13.02
CA LYS A 260 -1.93 16.59 14.27
C LYS A 260 -3.23 15.83 14.08
N VAL A 261 -3.64 15.58 12.84
CA VAL A 261 -4.80 14.73 12.55
C VAL A 261 -4.37 13.30 12.22
N VAL A 262 -3.07 13.07 11.98
CA VAL A 262 -2.57 11.72 11.83
C VAL A 262 -2.40 11.02 13.16
N TYR A 263 -2.45 11.75 14.27
CA TYR A 263 -2.44 11.15 15.59
C TYR A 263 -3.58 10.14 15.74
N PHE A 264 -4.81 10.61 15.58
CA PHE A 264 -5.97 9.75 15.74
C PHE A 264 -6.00 8.65 14.68
N THR A 265 -5.79 9.03 13.42
CA THR A 265 -5.86 8.06 12.32
C THR A 265 -4.74 7.03 12.37
N ALA A 266 -3.67 7.29 13.12
CA ALA A 266 -2.59 6.34 13.27
C ALA A 266 -2.63 5.56 14.57
N THR A 267 -3.34 6.06 15.58
CA THR A 267 -3.44 5.36 16.87
C THR A 267 -4.72 4.55 17.02
N PHE A 268 -5.87 5.09 16.64
CA PHE A 268 -7.13 4.40 16.85
C PHE A 268 -7.23 3.01 16.23
N PRO A 269 -6.67 2.73 15.04
CA PRO A 269 -6.74 1.35 14.54
C PRO A 269 -6.18 0.32 15.50
N TYR A 270 -5.11 0.66 16.23
CA TYR A 270 -4.57 -0.26 17.23
C TYR A 270 -5.57 -0.51 18.35
N VAL A 271 -6.27 0.53 18.79
CA VAL A 271 -7.27 0.37 19.84
C VAL A 271 -8.41 -0.52 19.36
N VAL A 272 -8.86 -0.30 18.12
CA VAL A 272 -9.94 -1.12 17.58
C VAL A 272 -9.50 -2.58 17.46
N LEU A 273 -8.26 -2.79 17.01
CA LEU A 273 -7.73 -4.15 16.91
C LEU A 273 -7.66 -4.81 18.29
N THR A 274 -7.26 -4.04 19.31
CA THR A 274 -7.20 -4.59 20.66
C THR A 274 -8.58 -4.99 21.16
N ILE A 275 -9.58 -4.13 20.93
CA ILE A 275 -10.94 -4.46 21.36
C ILE A 275 -11.44 -5.69 20.64
N LEU A 276 -11.19 -5.78 19.33
CA LEU A 276 -11.60 -6.94 18.57
C LEU A 276 -10.92 -8.20 19.09
N PHE A 277 -9.63 -8.11 19.43
CA PHE A 277 -8.92 -9.28 19.94
C PHE A 277 -9.51 -9.76 21.27
N VAL A 278 -9.76 -8.82 22.19
CA VAL A 278 -10.32 -9.22 23.48
C VAL A 278 -11.71 -9.83 23.29
N ARG A 279 -12.49 -9.32 22.34
CA ARG A 279 -13.79 -9.93 22.10
C ARG A 279 -13.67 -11.27 21.40
N GLY A 280 -12.59 -11.49 20.65
CA GLY A 280 -12.44 -12.69 19.85
C GLY A 280 -11.68 -13.83 20.49
N VAL A 281 -11.02 -13.57 21.62
CA VAL A 281 -10.33 -14.63 22.34
C VAL A 281 -11.06 -15.00 23.63
N THR A 282 -12.31 -14.58 23.77
CA THR A 282 -13.11 -14.97 24.92
C THR A 282 -13.73 -16.33 24.66
N LEU A 283 -14.57 -16.81 25.59
CA LEU A 283 -15.14 -18.14 25.47
C LEU A 283 -16.16 -18.20 24.34
N GLU A 284 -15.72 -18.59 23.14
CA GLU A 284 -16.60 -18.75 22.00
C GLU A 284 -16.40 -20.05 21.25
N GLY A 285 -15.45 -20.89 21.64
CA GLY A 285 -15.05 -22.01 20.82
C GLY A 285 -13.97 -21.70 19.82
N ALA A 286 -13.38 -20.50 19.88
CA ALA A 286 -12.31 -20.11 18.96
C ALA A 286 -10.95 -20.55 19.49
N PHE A 287 -10.85 -21.83 19.85
CA PHE A 287 -9.59 -22.44 20.25
C PHE A 287 -8.91 -23.12 19.08
N ASP A 288 -9.66 -23.83 18.25
CA ASP A 288 -9.15 -24.35 16.98
C ASP A 288 -9.30 -23.31 15.88
N GLY A 289 -8.82 -22.11 16.16
CA GLY A 289 -8.80 -21.02 15.20
C GLY A 289 -7.45 -20.36 15.19
N ILE A 290 -6.62 -20.73 16.16
CA ILE A 290 -5.25 -20.27 16.22
C ILE A 290 -4.24 -21.39 16.02
N MET A 291 -4.60 -22.64 16.34
CA MET A 291 -3.75 -23.77 15.96
C MET A 291 -3.69 -23.97 14.46
N TYR A 292 -4.61 -23.39 13.70
CA TYR A 292 -4.48 -23.37 12.25
C TYR A 292 -3.69 -22.17 11.75
N TYR A 293 -3.33 -21.24 12.63
CA TYR A 293 -2.47 -20.12 12.28
C TYR A 293 -1.12 -20.14 12.98
N LEU A 294 -0.98 -20.95 14.03
CA LEU A 294 0.26 -21.04 14.80
C LEU A 294 0.71 -22.49 14.91
N THR A 295 0.70 -23.20 13.78
CA THR A 295 1.14 -24.59 13.79
C THR A 295 2.50 -24.72 13.10
N PRO A 296 3.35 -25.63 13.58
CA PRO A 296 4.69 -25.79 12.98
C PRO A 296 4.71 -26.70 11.75
N GLN A 297 4.29 -26.14 10.62
CA GLN A 297 4.43 -26.82 9.32
C GLN A 297 5.82 -26.50 8.77
N TRP A 298 6.81 -27.18 9.35
CA TRP A 298 8.20 -26.86 9.03
C TRP A 298 8.58 -27.31 7.63
N ASP A 299 7.98 -28.37 7.13
CA ASP A 299 8.36 -28.94 5.83
C ASP A 299 7.88 -28.12 4.65
N LYS A 300 7.37 -26.91 4.87
CA LYS A 300 6.94 -26.05 3.78
C LYS A 300 7.78 -24.78 3.68
N ILE A 301 9.07 -24.89 4.00
CA ILE A 301 10.01 -23.80 3.79
C ILE A 301 11.06 -24.13 2.73
N LEU A 302 11.11 -25.39 2.27
CA LEU A 302 12.12 -25.76 1.27
C LEU A 302 11.75 -25.23 -0.11
N GLU A 303 10.46 -25.23 -0.45
CA GLU A 303 10.04 -24.79 -1.77
C GLU A 303 10.29 -23.29 -1.95
N ALA A 304 10.73 -22.92 -3.15
CA ALA A 304 11.05 -21.51 -3.42
C ALA A 304 9.81 -20.65 -3.54
N LYS A 305 8.64 -21.25 -3.75
CA LYS A 305 7.42 -20.47 -3.92
C LYS A 305 7.09 -19.69 -2.65
N VAL A 306 7.25 -20.32 -1.49
CA VAL A 306 6.92 -19.63 -0.23
C VAL A 306 7.91 -18.50 0.03
N TRP A 307 9.19 -18.69 -0.30
CA TRP A 307 10.16 -17.62 -0.13
C TRP A 307 9.88 -16.46 -1.06
N GLY A 308 9.51 -16.76 -2.32
CA GLY A 308 9.14 -15.69 -3.23
C GLY A 308 7.93 -14.92 -2.75
N ASP A 309 6.92 -15.64 -2.23
CA ASP A 309 5.73 -14.97 -1.71
C ASP A 309 6.07 -14.12 -0.49
N ALA A 310 6.95 -14.61 0.37
CA ALA A 310 7.37 -13.82 1.54
C ALA A 310 8.08 -12.55 1.12
N ALA A 311 8.98 -12.66 0.13
CA ALA A 311 9.66 -11.46 -0.37
C ALA A 311 8.68 -10.48 -0.98
N SER A 312 7.73 -10.99 -1.76
CA SER A 312 6.73 -10.12 -2.37
C SER A 312 5.89 -9.41 -1.31
N GLN A 313 5.47 -10.14 -0.27
CA GLN A 313 4.68 -9.52 0.79
C GLN A 313 5.49 -8.47 1.53
N ILE A 314 6.77 -8.77 1.82
CA ILE A 314 7.61 -7.80 2.51
C ILE A 314 7.77 -6.53 1.67
N PHE A 315 7.98 -6.69 0.37
CA PHE A 315 8.21 -5.51 -0.46
C PHE A 315 6.94 -4.69 -0.65
N TYR A 316 5.81 -5.35 -0.93
CA TYR A 316 4.58 -4.63 -1.24
C TYR A 316 3.92 -4.04 0.01
N SER A 317 3.94 -4.79 1.11
CA SER A 317 3.29 -4.32 2.33
C SER A 317 3.97 -3.07 2.87
N LEU A 318 5.31 -3.02 2.81
CA LEU A 318 6.04 -1.88 3.33
C LEU A 318 5.87 -0.62 2.47
N GLY A 319 5.29 -0.75 1.29
CA GLY A 319 5.09 0.40 0.42
C GLY A 319 6.37 1.06 -0.05
N CYS A 320 7.36 0.26 -0.46
CA CYS A 320 8.64 0.79 -0.86
C CYS A 320 8.63 1.23 -2.32
N ALA A 321 9.31 2.33 -2.59
CA ALA A 321 9.65 2.76 -3.96
C ALA A 321 8.39 3.04 -4.80
N TRP A 322 7.47 3.82 -4.24
CA TRP A 322 6.44 4.43 -5.07
C TRP A 322 6.14 5.86 -4.65
N GLY A 323 7.08 6.49 -3.93
CA GLY A 323 6.93 7.89 -3.57
C GLY A 323 6.32 8.14 -2.20
N GLY A 324 6.10 7.09 -1.40
CA GLY A 324 5.52 7.29 -0.09
C GLY A 324 6.53 7.68 0.96
N LEU A 325 7.58 6.87 1.11
CA LEU A 325 8.58 7.13 2.14
C LEU A 325 9.36 8.41 1.85
N ILE A 326 9.69 8.64 0.57
CA ILE A 326 10.55 9.77 0.22
C ILE A 326 9.87 11.09 0.55
N THR A 327 8.56 11.19 0.28
CA THR A 327 7.88 12.47 0.43
C THR A 327 7.91 12.98 1.87
N MET A 328 7.51 12.15 2.81
CA MET A 328 7.55 12.55 4.22
C MET A 328 8.92 12.40 4.85
N ALA A 329 9.85 11.69 4.21
CA ALA A 329 11.23 11.77 4.67
C ALA A 329 11.85 13.10 4.28
N SER A 330 11.35 13.72 3.22
CA SER A 330 11.86 15.01 2.78
C SER A 330 11.61 16.09 3.82
N TYR A 331 10.42 16.11 4.42
CA TYR A 331 10.06 17.17 5.35
C TYR A 331 10.80 17.07 6.68
N ASN A 332 11.52 15.98 6.92
CA ASN A 332 12.24 15.80 8.17
C ASN A 332 13.35 16.82 8.33
N LYS A 333 13.69 17.09 9.57
CA LYS A 333 14.89 17.86 9.87
C LYS A 333 16.13 17.07 9.45
N PHE A 334 17.19 17.80 9.10
CA PHE A 334 18.38 17.15 8.56
C PHE A 334 18.99 16.18 9.56
N HIS A 335 19.26 16.65 10.78
CA HIS A 335 19.91 15.83 11.80
C HIS A 335 18.86 14.99 12.52
N ASN A 336 18.34 14.01 11.80
CA ASN A 336 17.36 13.07 12.33
C ASN A 336 17.94 11.66 12.26
N ASN A 337 17.83 10.91 13.36
CA ASN A 337 18.32 9.54 13.41
C ASN A 337 17.36 8.66 12.62
N CYS A 338 17.50 8.71 11.29
CA CYS A 338 16.65 7.91 10.42
C CYS A 338 16.93 6.42 10.54
N TYR A 339 18.11 6.04 11.05
CA TYR A 339 18.35 4.62 11.35
C TYR A 339 17.40 4.12 12.41
N ARG A 340 17.20 4.91 13.47
CA ARG A 340 16.21 4.54 14.49
C ARG A 340 14.79 4.63 13.96
N ASP A 341 14.57 5.47 12.93
CA ASP A 341 13.24 5.73 12.41
C ASP A 341 12.83 4.77 11.30
N SER A 342 13.64 3.74 11.05
CA SER A 342 13.32 2.72 10.05
C SER A 342 13.08 1.36 10.67
N VAL A 343 13.97 0.92 11.55
CA VAL A 343 13.76 -0.35 12.25
C VAL A 343 12.48 -0.30 13.05
N ILE A 344 12.19 0.84 13.68
CA ILE A 344 10.99 0.97 14.51
C ILE A 344 9.74 0.77 13.66
N ILE A 345 9.65 1.49 12.53
CA ILE A 345 8.44 1.41 11.72
C ILE A 345 8.29 0.03 11.10
N SER A 346 9.40 -0.58 10.67
CA SER A 346 9.32 -1.94 10.14
C SER A 346 8.81 -2.91 11.21
N ILE A 347 9.28 -2.75 12.44
CA ILE A 347 8.84 -3.61 13.53
C ILE A 347 7.35 -3.42 13.79
N THR A 348 6.87 -2.17 13.81
CA THR A 348 5.44 -1.94 14.00
C THR A 348 4.62 -2.55 12.88
N ASN A 349 5.10 -2.45 11.64
CA ASN A 349 4.37 -3.04 10.52
C ASN A 349 4.26 -4.56 10.68
N CYS A 350 5.37 -5.21 11.01
CA CYS A 350 5.34 -6.66 11.18
C CYS A 350 4.48 -7.07 12.37
N ALA A 351 4.54 -6.31 13.47
CA ALA A 351 3.72 -6.62 14.63
C ALA A 351 2.24 -6.43 14.31
N THR A 352 1.90 -5.41 13.53
CA THR A 352 0.51 -5.22 13.12
C THR A 352 0.03 -6.37 12.25
N SER A 353 0.88 -6.84 11.33
CA SER A 353 0.52 -7.99 10.51
C SER A 353 0.29 -9.22 11.38
N VAL A 354 1.16 -9.45 12.36
CA VAL A 354 1.00 -10.59 13.25
C VAL A 354 -0.29 -10.48 14.05
N TYR A 355 -0.60 -9.29 14.58
CA TYR A 355 -1.81 -9.10 15.38
C TYR A 355 -3.06 -9.30 14.55
N ALA A 356 -3.05 -8.81 13.30
CA ALA A 356 -4.15 -9.06 12.39
C ALA A 356 -4.28 -10.53 12.05
N GLY A 357 -3.17 -11.26 12.02
CA GLY A 357 -3.24 -12.70 11.82
C GLY A 357 -3.93 -13.45 12.94
N PHE A 358 -4.07 -12.83 14.12
CA PHE A 358 -4.79 -13.41 15.24
C PHE A 358 -6.23 -12.92 15.33
N VAL A 359 -6.44 -11.62 15.21
CA VAL A 359 -7.77 -11.06 15.47
C VAL A 359 -8.81 -11.61 14.49
N ILE A 360 -8.46 -11.68 13.21
CA ILE A 360 -9.39 -12.18 12.21
C ILE A 360 -9.61 -13.67 12.38
N PHE A 361 -8.53 -14.43 12.56
CA PHE A 361 -8.63 -15.88 12.58
C PHE A 361 -9.30 -16.41 13.83
N SER A 362 -9.30 -15.66 14.94
CA SER A 362 -10.09 -16.09 16.09
C SER A 362 -11.57 -16.16 15.74
N ILE A 363 -12.11 -15.08 15.19
CA ILE A 363 -13.52 -15.07 14.83
C ILE A 363 -13.79 -16.02 13.66
N LEU A 364 -12.81 -16.20 12.76
CA LEU A 364 -12.98 -17.18 11.70
C LEU A 364 -13.10 -18.59 12.27
N GLY A 365 -12.30 -18.92 13.27
CA GLY A 365 -12.44 -20.21 13.94
C GLY A 365 -13.76 -20.34 14.67
N PHE A 366 -14.24 -19.24 15.26
CA PHE A 366 -15.56 -19.26 15.88
C PHE A 366 -16.64 -19.59 14.85
N MET A 367 -16.58 -18.95 13.67
CA MET A 367 -17.53 -19.25 12.60
C MET A 367 -17.39 -20.70 12.14
N ALA A 368 -16.17 -21.20 12.04
CA ALA A 368 -15.96 -22.58 11.64
C ALA A 368 -16.59 -23.55 12.65
N ASN A 369 -16.44 -23.25 13.94
CA ASN A 369 -17.06 -24.09 14.96
C ASN A 369 -18.58 -24.02 14.90
N HIS A 370 -19.13 -22.83 14.66
CA HIS A 370 -20.58 -22.71 14.66
C HIS A 370 -21.20 -23.31 13.40
N LEU A 371 -20.45 -23.36 12.30
CA LEU A 371 -20.94 -23.92 11.05
C LEU A 371 -20.72 -25.41 10.93
N GLY A 372 -20.01 -26.03 11.88
CA GLY A 372 -19.71 -27.44 11.79
C GLY A 372 -18.80 -27.81 10.65
N VAL A 373 -17.86 -26.93 10.30
CA VAL A 373 -16.90 -27.17 9.24
C VAL A 373 -15.52 -26.75 9.72
N ASP A 374 -14.50 -27.23 9.00
CA ASP A 374 -13.14 -26.83 9.30
C ASP A 374 -12.90 -25.39 8.85
N VAL A 375 -11.80 -24.81 9.33
CA VAL A 375 -11.49 -23.41 9.06
C VAL A 375 -11.19 -23.18 7.58
N SER A 376 -10.58 -24.17 6.91
CA SER A 376 -10.21 -24.00 5.51
C SER A 376 -11.41 -23.72 4.61
N ARG A 377 -12.62 -24.08 5.05
CA ARG A 377 -13.81 -23.80 4.26
C ARG A 377 -14.04 -22.29 4.13
N VAL A 378 -13.82 -21.53 5.20
CA VAL A 378 -14.03 -20.10 5.20
C VAL A 378 -12.67 -19.42 5.29
N ALA A 379 -12.16 -18.96 4.15
CA ALA A 379 -10.87 -18.26 4.09
C ALA A 379 -10.77 -17.55 2.76
N ASP A 380 -10.57 -16.24 2.78
CA ASP A 380 -10.45 -15.45 1.57
C ASP A 380 -9.26 -14.50 1.69
N HIS A 381 -8.77 -14.05 0.54
CA HIS A 381 -7.50 -13.34 0.45
C HIS A 381 -7.66 -11.82 0.41
N GLY A 382 -8.68 -11.30 -0.27
CA GLY A 382 -8.82 -9.89 -0.46
C GLY A 382 -10.13 -9.34 0.05
N PRO A 383 -10.89 -8.70 -0.84
CA PRO A 383 -12.21 -8.17 -0.44
C PRO A 383 -13.16 -9.26 0.05
N GLY A 384 -12.95 -10.51 -0.35
CA GLY A 384 -13.78 -11.59 0.16
C GLY A 384 -13.69 -11.72 1.67
N LEU A 385 -12.49 -11.59 2.22
CA LEU A 385 -12.35 -11.64 3.67
C LEU A 385 -12.86 -10.37 4.32
N ALA A 386 -12.70 -9.23 3.68
CA ALA A 386 -13.03 -7.95 4.29
C ALA A 386 -14.54 -7.72 4.36
N PHE A 387 -15.27 -8.03 3.28
CA PHE A 387 -16.64 -7.56 3.14
C PHE A 387 -17.69 -8.67 3.15
N VAL A 388 -17.31 -9.92 2.92
CA VAL A 388 -18.30 -11.00 2.94
C VAL A 388 -17.93 -12.15 3.85
N ALA A 389 -16.66 -12.33 4.24
CA ALA A 389 -16.33 -13.39 5.19
C ALA A 389 -16.37 -12.87 6.62
N TYR A 390 -15.66 -11.79 6.91
CA TYR A 390 -15.65 -11.24 8.26
C TYR A 390 -17.01 -10.72 8.71
N PRO A 391 -17.75 -9.94 7.91
CA PRO A 391 -19.08 -9.47 8.38
C PRO A 391 -20.05 -10.61 8.65
N GLU A 392 -20.01 -11.68 7.85
CA GLU A 392 -20.90 -12.80 8.07
C GLU A 392 -20.61 -13.51 9.39
N ALA A 393 -19.39 -13.35 9.91
CA ALA A 393 -19.06 -13.86 11.23
C ALA A 393 -19.34 -12.85 12.33
N LEU A 394 -19.19 -11.56 12.04
CA LEU A 394 -19.48 -10.53 13.03
C LEU A 394 -20.97 -10.45 13.32
N THR A 395 -21.81 -10.79 12.35
CA THR A 395 -23.25 -10.70 12.55
C THR A 395 -23.78 -11.71 13.57
N LEU A 396 -22.98 -12.70 13.95
CA LEU A 396 -23.44 -13.73 14.88
C LEU A 396 -23.15 -13.41 16.34
N LEU A 397 -22.41 -12.35 16.63
CA LEU A 397 -22.15 -11.97 18.01
C LEU A 397 -23.40 -11.37 18.64
N PRO A 398 -23.51 -11.41 19.97
CA PRO A 398 -24.77 -10.98 20.61
C PRO A 398 -25.20 -9.57 20.24
N ILE A 399 -24.28 -8.62 20.13
CA ILE A 399 -24.59 -7.27 19.69
C ILE A 399 -23.65 -6.96 18.53
N SER A 400 -24.10 -7.27 17.31
CA SER A 400 -23.25 -7.20 16.12
C SER A 400 -22.97 -5.77 15.63
N PRO A 401 -23.98 -4.87 15.51
CA PRO A 401 -23.70 -3.57 14.91
C PRO A 401 -22.99 -2.63 15.86
N LEU A 402 -22.04 -3.15 16.61
CA LEU A 402 -21.00 -2.38 17.27
C LEU A 402 -19.61 -2.89 16.92
N TRP A 403 -19.41 -4.21 16.91
CA TRP A 403 -18.17 -4.75 16.36
C TRP A 403 -18.09 -4.52 14.86
N SER A 404 -19.22 -4.62 14.17
CA SER A 404 -19.21 -4.30 12.74
C SER A 404 -18.84 -2.84 12.50
N LEU A 405 -19.42 -1.94 13.30
CA LEU A 405 -19.10 -0.52 13.19
C LEU A 405 -17.62 -0.28 13.46
N LEU A 406 -17.08 -0.90 14.51
CA LEU A 406 -15.67 -0.71 14.84
C LEU A 406 -14.76 -1.25 13.73
N PHE A 407 -15.10 -2.41 13.18
CA PHE A 407 -14.30 -3.00 12.10
C PHE A 407 -14.29 -2.10 10.88
N PHE A 408 -15.45 -1.59 10.48
CA PHE A 408 -15.48 -0.75 9.28
C PHE A 408 -14.82 0.59 9.53
N PHE A 409 -14.94 1.13 10.75
CA PHE A 409 -14.24 2.36 11.09
C PHE A 409 -12.73 2.17 11.04
N MET A 410 -12.25 1.02 11.53
CA MET A 410 -10.81 0.76 11.48
C MET A 410 -10.34 0.61 10.04
N LEU A 411 -11.15 -0.05 9.19
CA LEU A 411 -10.80 -0.13 7.77
C LEU A 411 -10.70 1.24 7.14
N ILE A 412 -11.66 2.12 7.45
CA ILE A 412 -11.65 3.48 6.90
C ILE A 412 -10.39 4.22 7.35
N LEU A 413 -10.07 4.11 8.65
CA LEU A 413 -8.88 4.79 9.17
C LEU A 413 -7.61 4.26 8.53
N LEU A 414 -7.51 2.95 8.35
CA LEU A 414 -6.33 2.35 7.74
C LEU A 414 -6.17 2.83 6.30
N GLY A 415 -7.27 2.91 5.55
CA GLY A 415 -7.19 3.41 4.19
C GLY A 415 -6.80 4.87 4.13
N LEU A 416 -7.34 5.68 5.03
CA LEU A 416 -6.99 7.10 5.07
C LEU A 416 -5.52 7.29 5.39
N GLY A 417 -4.98 6.46 6.29
CA GLY A 417 -3.58 6.60 6.67
C GLY A 417 -2.63 6.50 5.50
N THR A 418 -3.04 5.82 4.43
CA THR A 418 -2.25 5.71 3.22
C THR A 418 -2.64 6.73 2.16
N GLN A 419 -3.94 7.02 2.02
CA GLN A 419 -4.36 7.99 1.03
C GLN A 419 -3.83 9.39 1.34
N PHE A 420 -3.73 9.74 2.62
CA PHE A 420 -3.13 11.00 3.02
C PHE A 420 -1.73 11.14 2.42
N CYS A 421 -0.90 10.12 2.61
CA CYS A 421 0.47 10.16 2.10
C CYS A 421 0.50 10.17 0.58
N LEU A 422 -0.39 9.40 -0.06
CA LEU A 422 -0.39 9.39 -1.52
C LEU A 422 -0.69 10.77 -2.08
N LEU A 423 -1.72 11.43 -1.55
CA LEU A 423 -2.06 12.76 -2.02
C LEU A 423 -0.97 13.77 -1.69
N GLU A 424 -0.34 13.64 -0.51
CA GLU A 424 0.81 14.48 -0.20
C GLU A 424 1.94 14.27 -1.21
N THR A 425 2.22 13.03 -1.57
CA THR A 425 3.30 12.76 -2.52
C THR A 425 3.02 13.44 -3.86
N LEU A 426 1.82 13.25 -4.40
CA LEU A 426 1.49 13.87 -5.68
C LEU A 426 1.57 15.39 -5.58
N VAL A 427 1.01 15.95 -4.51
CA VAL A 427 0.95 17.41 -4.37
C VAL A 427 2.34 18.00 -4.24
N THR A 428 3.20 17.39 -3.41
CA THR A 428 4.53 17.96 -3.21
C THR A 428 5.39 17.77 -4.44
N ALA A 429 5.21 16.68 -5.19
CA ALA A 429 5.95 16.55 -6.45
C ALA A 429 5.56 17.65 -7.42
N ILE A 430 4.25 17.87 -7.60
CA ILE A 430 3.80 18.91 -8.52
C ILE A 430 4.29 20.27 -8.07
N VAL A 431 4.27 20.53 -6.76
CA VAL A 431 4.66 21.84 -6.24
C VAL A 431 6.16 22.06 -6.44
N ASP A 432 6.98 21.05 -6.10
CA ASP A 432 8.42 21.22 -6.14
C ASP A 432 8.95 21.24 -7.57
N GLU A 433 8.23 20.61 -8.51
CA GLU A 433 8.67 20.68 -9.90
C GLU A 433 8.71 22.11 -10.39
N VAL A 434 7.64 22.88 -10.17
CA VAL A 434 7.54 24.23 -10.71
C VAL A 434 7.58 25.19 -9.52
N GLY A 435 8.43 24.88 -8.55
CA GLY A 435 8.52 25.66 -7.34
C GLY A 435 9.01 27.07 -7.51
N ASN A 436 8.12 28.03 -7.35
CA ASN A 436 8.43 29.44 -7.25
C ASN A 436 7.67 30.00 -6.04
N GLU A 437 7.85 31.30 -5.77
CA GLU A 437 7.11 31.92 -4.69
C GLU A 437 5.61 32.00 -4.99
N TRP A 438 5.22 31.73 -6.23
CA TRP A 438 3.81 31.70 -6.59
C TRP A 438 3.17 30.40 -6.16
N ILE A 439 3.71 29.27 -6.61
CA ILE A 439 3.02 27.99 -6.47
C ILE A 439 3.07 27.44 -5.04
N LEU A 440 4.03 27.85 -4.22
CA LEU A 440 4.00 27.47 -2.81
C LEU A 440 2.94 28.25 -2.04
N GLN A 441 2.53 29.42 -2.51
CA GLN A 441 1.47 30.15 -1.82
C GLN A 441 0.11 29.52 -2.02
N LYS A 442 -0.07 28.74 -3.09
CA LYS A 442 -1.37 28.14 -3.38
C LYS A 442 -1.29 26.63 -3.40
N LYS A 443 -0.64 26.04 -2.40
CA LYS A 443 -0.56 24.59 -2.31
C LYS A 443 -1.94 23.96 -2.12
N THR A 444 -2.80 24.63 -1.34
CA THR A 444 -4.14 24.09 -1.09
C THR A 444 -4.97 24.04 -2.38
N TYR A 445 -4.80 25.05 -3.25
CA TYR A 445 -5.52 25.03 -4.52
C TYR A 445 -5.07 23.86 -5.38
N VAL A 446 -3.76 23.58 -5.40
CA VAL A 446 -3.25 22.43 -6.14
C VAL A 446 -3.80 21.13 -5.57
N THR A 447 -3.86 21.05 -4.23
CA THR A 447 -4.42 19.86 -3.60
C THR A 447 -5.88 19.67 -3.99
N LEU A 448 -6.65 20.76 -4.00
CA LEU A 448 -8.06 20.67 -4.41
C LEU A 448 -8.18 20.23 -5.85
N GLY A 449 -7.33 20.76 -6.73
CA GLY A 449 -7.38 20.36 -8.12
C GLY A 449 -7.05 18.90 -8.32
N VAL A 450 -6.01 18.41 -7.64
CA VAL A 450 -5.64 17.00 -7.76
C VAL A 450 -6.73 16.11 -7.17
N ALA A 451 -7.35 16.53 -6.07
CA ALA A 451 -8.43 15.75 -5.49
C ALA A 451 -9.63 15.67 -6.42
N VAL A 452 -9.99 16.79 -7.05
CA VAL A 452 -11.14 16.77 -7.96
C VAL A 452 -10.82 15.94 -9.21
N ALA A 453 -9.56 15.99 -9.66
CA ALA A 453 -9.16 15.14 -10.79
C ALA A 453 -9.24 13.66 -10.43
N GLY A 454 -8.81 13.31 -9.22
CA GLY A 454 -8.91 11.93 -8.79
C GLY A 454 -10.35 11.46 -8.65
N PHE A 455 -11.22 12.34 -8.12
CA PHE A 455 -12.63 11.99 -8.00
C PHE A 455 -13.28 11.80 -9.36
N LEU A 456 -12.98 12.69 -10.31
CA LEU A 456 -13.55 12.55 -11.65
C LEU A 456 -13.03 11.31 -12.36
N LEU A 457 -11.74 11.01 -12.19
CA LEU A 457 -11.16 9.85 -12.88
C LEU A 457 -11.63 8.54 -12.29
N GLY A 458 -11.99 8.52 -11.01
CA GLY A 458 -12.42 7.31 -10.35
C GLY A 458 -13.87 6.96 -10.50
N ILE A 459 -14.64 7.75 -11.26
CA ILE A 459 -16.06 7.45 -11.44
C ILE A 459 -16.29 6.09 -12.09
N PRO A 460 -15.60 5.71 -13.18
CA PRO A 460 -15.90 4.40 -13.80
C PRO A 460 -15.68 3.21 -12.88
N LEU A 461 -14.85 3.33 -11.86
CA LEU A 461 -14.62 2.21 -10.95
C LEU A 461 -15.79 1.96 -10.01
N THR A 462 -16.77 2.87 -9.97
CA THR A 462 -18.00 2.67 -9.21
C THR A 462 -19.17 2.34 -10.13
N SER A 463 -18.89 1.76 -11.29
CA SER A 463 -19.92 1.37 -12.22
C SER A 463 -20.37 -0.06 -11.93
N GLN A 464 -21.14 -0.65 -12.85
CA GLN A 464 -21.61 -2.01 -12.65
C GLN A 464 -20.45 -3.01 -12.65
N ALA A 465 -19.43 -2.76 -13.45
CA ALA A 465 -18.26 -3.63 -13.55
C ALA A 465 -17.05 -3.01 -12.86
N GLY A 466 -17.29 -2.31 -11.75
CA GLY A 466 -16.20 -1.60 -11.09
C GLY A 466 -15.15 -2.51 -10.49
N ILE A 467 -15.58 -3.57 -9.80
CA ILE A 467 -14.62 -4.38 -9.05
C ILE A 467 -13.69 -5.15 -9.98
N TYR A 468 -14.14 -5.49 -11.18
CA TYR A 468 -13.26 -6.14 -12.14
C TYR A 468 -12.08 -5.24 -12.49
N TRP A 469 -12.36 -3.99 -12.83
CA TRP A 469 -11.29 -3.05 -13.13
C TRP A 469 -10.46 -2.74 -11.89
N LEU A 470 -11.08 -2.72 -10.72
CA LEU A 470 -10.33 -2.50 -9.48
C LEU A 470 -9.29 -3.60 -9.27
N LEU A 471 -9.71 -4.85 -9.41
CA LEU A 471 -8.78 -5.97 -9.25
C LEU A 471 -7.73 -5.98 -10.35
N LEU A 472 -8.11 -5.63 -11.58
CA LEU A 472 -7.15 -5.57 -12.66
C LEU A 472 -6.07 -4.52 -12.39
N MET A 473 -6.48 -3.34 -11.94
CA MET A 473 -5.51 -2.29 -11.62
C MET A 473 -4.64 -2.69 -10.43
N ASP A 474 -5.22 -3.37 -9.44
CA ASP A 474 -4.43 -3.81 -8.31
C ASP A 474 -3.38 -4.84 -8.72
N ASN A 475 -3.78 -5.81 -9.54
CA ASN A 475 -2.87 -6.90 -9.89
C ASN A 475 -1.81 -6.50 -10.91
N TYR A 476 -2.17 -5.65 -11.87
CA TYR A 476 -1.28 -5.38 -13.00
C TYR A 476 -0.56 -4.04 -12.90
N ALA A 477 -1.29 -2.96 -12.61
CA ALA A 477 -0.72 -1.62 -12.71
C ALA A 477 0.38 -1.34 -11.71
N ALA A 478 0.40 -2.06 -10.58
CA ALA A 478 1.35 -1.76 -9.51
C ALA A 478 2.01 -3.03 -8.99
N SER A 479 2.37 -3.95 -9.89
CA SER A 479 3.11 -5.14 -9.50
C SER A 479 4.48 -5.22 -10.17
N PHE A 480 4.52 -5.13 -11.51
CA PHE A 480 5.81 -5.16 -12.20
C PHE A 480 6.54 -3.83 -12.05
N SER A 481 5.80 -2.73 -12.13
CA SER A 481 6.40 -1.40 -12.12
C SER A 481 7.13 -1.13 -10.80
N LEU A 482 6.53 -1.56 -9.68
CA LEU A 482 7.17 -1.36 -8.38
C LEU A 482 8.53 -2.05 -8.33
N VAL A 483 8.57 -3.32 -8.75
CA VAL A 483 9.82 -4.07 -8.71
C VAL A 483 10.86 -3.45 -9.63
N VAL A 484 10.45 -3.07 -10.84
CA VAL A 484 11.41 -2.49 -11.79
C VAL A 484 11.95 -1.16 -11.27
N ILE A 485 11.06 -0.32 -10.72
CA ILE A 485 11.48 0.99 -10.20
C ILE A 485 12.45 0.80 -9.05
N SER A 486 12.13 -0.11 -8.13
CA SER A 486 13.02 -0.35 -6.99
C SER A 486 14.37 -0.87 -7.46
N CYS A 487 14.38 -1.79 -8.42
CA CYS A 487 15.64 -2.33 -8.91
C CYS A 487 16.49 -1.23 -9.55
N ILE A 488 15.87 -0.39 -10.38
CA ILE A 488 16.61 0.66 -11.06
C ILE A 488 17.17 1.66 -10.06
N MET A 489 16.35 2.07 -9.09
CA MET A 489 16.82 3.01 -8.08
C MET A 489 17.95 2.42 -7.25
N CYS A 490 17.81 1.16 -6.83
CA CYS A 490 18.85 0.54 -6.03
C CYS A 490 20.16 0.42 -6.80
N VAL A 491 20.07 0.05 -8.08
CA VAL A 491 21.29 -0.05 -8.89
C VAL A 491 21.93 1.32 -9.04
N ALA A 492 21.13 2.34 -9.37
CA ALA A 492 21.69 3.66 -9.67
C ALA A 492 22.27 4.33 -8.43
N ILE A 493 21.67 4.13 -7.26
CA ILE A 493 22.07 4.88 -6.09
C ILE A 493 23.49 4.52 -5.66
N MET A 494 23.80 3.23 -5.58
CA MET A 494 25.10 2.78 -5.10
C MET A 494 25.96 2.12 -6.16
N TYR A 495 25.59 2.21 -7.43
CA TYR A 495 26.44 1.63 -8.47
C TYR A 495 26.72 2.62 -9.59
N ILE A 496 25.76 3.51 -9.86
CA ILE A 496 25.99 4.59 -10.82
C ILE A 496 26.56 5.83 -10.12
N TYR A 497 26.01 6.18 -8.96
CA TYR A 497 26.51 7.31 -8.20
C TYR A 497 27.73 6.93 -7.37
N GLY A 498 27.70 5.75 -6.77
CA GLY A 498 28.82 5.28 -5.96
C GLY A 498 28.40 4.89 -4.56
N HIS A 499 28.90 3.75 -4.07
CA HIS A 499 28.56 3.30 -2.73
C HIS A 499 29.29 4.11 -1.67
N ARG A 500 30.57 4.42 -1.90
CA ARG A 500 31.35 5.11 -0.88
C ARG A 500 30.90 6.56 -0.73
N ASN A 501 30.57 7.22 -1.84
CA ASN A 501 30.08 8.59 -1.76
C ASN A 501 28.78 8.65 -0.98
N TYR A 502 27.87 7.72 -1.24
CA TYR A 502 26.62 7.68 -0.48
C TYR A 502 26.86 7.35 0.99
N PHE A 503 27.83 6.49 1.27
CA PHE A 503 28.14 6.13 2.65
C PHE A 503 28.65 7.33 3.43
N GLN A 504 29.61 8.07 2.85
CA GLN A 504 30.11 9.26 3.54
C GLN A 504 29.04 10.33 3.61
N ASP A 505 28.16 10.41 2.61
CA ASP A 505 27.05 11.35 2.66
C ASP A 505 26.10 11.03 3.82
N ILE A 506 25.83 9.75 4.04
CA ILE A 506 24.98 9.35 5.17
C ILE A 506 25.68 9.62 6.49
N GLN A 507 26.99 9.34 6.56
CA GLN A 507 27.75 9.65 7.76
C GLN A 507 27.75 11.14 8.06
N MET A 508 27.65 11.97 7.02
CA MET A 508 27.59 13.41 7.22
C MET A 508 26.35 13.82 8.00
N MET A 509 25.21 13.19 7.71
CA MET A 509 23.93 13.61 8.28
C MET A 509 23.60 12.88 9.58
N LEU A 510 23.89 11.58 9.65
CA LEU A 510 23.53 10.81 10.84
C LEU A 510 24.46 11.11 12.03
N GLY A 511 25.70 11.51 11.76
CA GLY A 511 26.67 11.72 12.81
C GLY A 511 27.58 10.55 13.08
N PHE A 512 27.24 9.36 12.57
CA PHE A 512 28.06 8.17 12.70
C PHE A 512 28.09 7.44 11.37
N PRO A 513 29.10 6.62 11.13
CA PRO A 513 29.08 5.79 9.93
C PRO A 513 27.95 4.78 10.00
N PRO A 514 27.42 4.37 8.85
CA PRO A 514 26.31 3.42 8.85
C PRO A 514 26.71 2.11 9.48
N PRO A 515 25.75 1.34 10.01
CA PRO A 515 26.10 0.09 10.69
C PRO A 515 26.82 -0.87 9.75
N LEU A 516 27.75 -1.64 10.32
CA LEU A 516 28.61 -2.50 9.53
C LEU A 516 27.82 -3.55 8.75
N PHE A 517 26.60 -3.86 9.17
CA PHE A 517 25.77 -4.83 8.46
C PHE A 517 24.99 -4.19 7.31
N PHE A 518 24.54 -2.95 7.49
CA PHE A 518 23.74 -2.29 6.46
C PHE A 518 24.54 -2.07 5.19
N GLN A 519 25.85 -1.83 5.30
CA GLN A 519 26.66 -1.64 4.10
C GLN A 519 26.68 -2.90 3.23
N ILE A 520 26.99 -4.04 3.83
CA ILE A 520 27.07 -5.28 3.06
C ILE A 520 25.68 -5.78 2.68
N CYS A 521 24.63 -5.33 3.38
CA CYS A 521 23.28 -5.66 2.92
C CYS A 521 22.87 -4.79 1.74
N TRP A 522 23.33 -3.53 1.70
CA TRP A 522 23.01 -2.65 0.59
C TRP A 522 23.76 -3.05 -0.68
N ARG A 523 25.06 -3.34 -0.55
CA ARG A 523 25.86 -3.59 -1.75
C ARG A 523 25.53 -4.94 -2.38
N PHE A 524 25.24 -5.95 -1.56
CA PHE A 524 25.10 -7.31 -2.06
C PHE A 524 23.70 -7.87 -1.90
N VAL A 525 23.16 -7.89 -0.68
CA VAL A 525 21.97 -8.71 -0.41
C VAL A 525 20.73 -8.07 -1.03
N SER A 526 20.55 -6.77 -0.85
CA SER A 526 19.32 -6.13 -1.32
C SER A 526 19.15 -6.17 -2.84
N PRO A 527 20.14 -5.79 -3.66
CA PRO A 527 19.94 -5.92 -5.11
C PRO A 527 19.74 -7.35 -5.56
N ALA A 528 20.42 -8.31 -4.93
CA ALA A 528 20.22 -9.71 -5.27
C ALA A 528 18.80 -10.16 -4.97
N ILE A 529 18.26 -9.72 -3.82
CA ILE A 529 16.89 -10.08 -3.47
C ILE A 529 15.91 -9.43 -4.42
N ILE A 530 16.17 -8.19 -4.83
CA ILE A 530 15.28 -7.53 -5.79
C ILE A 530 15.29 -8.25 -7.12
N PHE A 531 16.47 -8.65 -7.60
CA PHE A 531 16.54 -9.43 -8.83
C PHE A 531 15.81 -10.77 -8.67
N PHE A 532 15.93 -11.37 -7.49
CA PHE A 532 15.26 -12.65 -7.25
C PHE A 532 13.75 -12.51 -7.29
N ILE A 533 13.20 -11.48 -6.67
CA ILE A 533 11.74 -11.30 -6.69
C ILE A 533 11.28 -10.96 -8.10
N LEU A 534 12.08 -10.19 -8.84
CA LEU A 534 11.74 -9.94 -10.25
C LEU A 534 11.69 -11.23 -11.05
N VAL A 535 12.68 -12.10 -10.88
CA VAL A 535 12.72 -13.36 -11.62
C VAL A 535 11.55 -14.26 -11.21
N PHE A 536 11.26 -14.30 -9.91
CA PHE A 536 10.15 -15.12 -9.44
C PHE A 536 8.82 -14.61 -9.97
N THR A 537 8.65 -13.29 -10.03
CA THR A 537 7.44 -12.71 -10.61
C THR A 537 7.32 -13.05 -12.09
N VAL A 538 8.45 -12.99 -12.82
CA VAL A 538 8.40 -13.33 -14.24
C VAL A 538 8.04 -14.78 -14.45
N ILE A 539 8.65 -15.69 -13.68
CA ILE A 539 8.43 -17.12 -13.89
C ILE A 539 7.03 -17.52 -13.42
N GLN A 540 6.60 -17.01 -12.27
CA GLN A 540 5.27 -17.32 -11.73
C GLN A 540 4.30 -16.27 -12.24
N TYR A 541 3.48 -16.64 -13.22
CA TYR A 541 2.48 -15.72 -13.76
C TYR A 541 1.32 -16.51 -14.34
N GLN A 542 0.11 -16.13 -13.93
CA GLN A 542 -1.13 -16.67 -14.46
C GLN A 542 -2.06 -15.52 -14.78
N PRO A 543 -2.95 -15.69 -15.76
CA PRO A 543 -3.90 -14.61 -16.07
C PRO A 543 -4.76 -14.27 -14.84
N ILE A 544 -4.99 -12.98 -14.64
CA ILE A 544 -5.77 -12.54 -13.49
C ILE A 544 -7.20 -13.00 -13.65
N THR A 545 -7.74 -13.63 -12.61
CA THR A 545 -9.07 -14.20 -12.63
C THR A 545 -9.83 -13.82 -11.37
N TYR A 546 -11.14 -13.65 -11.52
CA TYR A 546 -12.03 -13.46 -10.38
C TYR A 546 -12.38 -14.82 -9.80
N ASN A 547 -13.42 -14.88 -8.96
CA ASN A 547 -13.82 -16.16 -8.36
C ASN A 547 -14.00 -17.24 -9.42
N HIS A 548 -14.73 -16.93 -10.49
CA HIS A 548 -14.73 -17.77 -11.68
C HIS A 548 -14.98 -16.86 -12.88
N TYR A 549 -13.90 -16.36 -13.46
CA TYR A 549 -13.97 -15.53 -14.67
C TYR A 549 -12.58 -15.35 -15.26
N GLN A 550 -12.43 -15.61 -16.55
CA GLN A 550 -11.17 -15.43 -17.26
C GLN A 550 -11.25 -14.15 -18.08
N TYR A 551 -10.42 -13.18 -17.74
CA TYR A 551 -10.47 -11.89 -18.42
C TYR A 551 -10.03 -12.05 -19.87
N PRO A 552 -10.80 -11.59 -20.84
CA PRO A 552 -10.38 -11.66 -22.24
C PRO A 552 -9.28 -10.66 -22.55
N GLY A 553 -8.94 -10.52 -23.84
CA GLY A 553 -7.88 -9.60 -24.22
C GLY A 553 -8.18 -8.17 -23.81
N TRP A 554 -9.46 -7.77 -23.85
CA TRP A 554 -9.92 -6.43 -23.51
C TRP A 554 -9.46 -6.01 -22.12
N ALA A 555 -9.01 -6.96 -21.30
CA ALA A 555 -8.52 -6.66 -19.97
C ALA A 555 -7.05 -6.94 -19.79
N VAL A 556 -6.55 -8.09 -20.27
CA VAL A 556 -5.14 -8.42 -20.11
C VAL A 556 -4.27 -7.44 -20.89
N ALA A 557 -4.65 -7.17 -22.15
CA ALA A 557 -3.86 -6.23 -22.95
C ALA A 557 -3.89 -4.83 -22.33
N ILE A 558 -5.05 -4.41 -21.83
CA ILE A 558 -5.15 -3.10 -21.19
C ILE A 558 -4.27 -3.04 -19.95
N GLY A 559 -4.29 -4.08 -19.12
CA GLY A 559 -3.46 -4.09 -17.93
C GLY A 559 -1.97 -4.07 -18.27
N PHE A 560 -1.59 -4.81 -19.31
CA PHE A 560 -0.21 -4.75 -19.77
C PHE A 560 0.16 -3.35 -20.23
N LEU A 561 -0.74 -2.67 -20.92
CA LEU A 561 -0.48 -1.31 -21.37
C LEU A 561 -0.32 -0.36 -20.17
N MET A 562 -1.15 -0.53 -19.14
CA MET A 562 -1.01 0.32 -17.96
C MET A 562 0.30 0.06 -17.23
N ALA A 563 0.71 -1.21 -17.12
CA ALA A 563 2.00 -1.50 -16.50
C ALA A 563 3.14 -0.92 -17.31
N LEU A 564 3.06 -1.02 -18.64
CA LEU A 564 4.08 -0.44 -19.49
C LEU A 564 4.10 1.08 -19.39
N SER A 565 2.95 1.71 -19.19
CA SER A 565 2.90 3.16 -19.09
C SER A 565 3.74 3.69 -17.93
N SER A 566 4.06 2.85 -16.96
CA SER A 566 4.97 3.20 -15.88
C SER A 566 6.36 2.62 -16.06
N VAL A 567 6.47 1.39 -16.60
CA VAL A 567 7.78 0.78 -16.77
C VAL A 567 8.59 1.52 -17.83
N LEU A 568 7.97 1.78 -18.97
CA LEU A 568 8.67 2.46 -20.06
C LEU A 568 8.94 3.94 -19.77
N CYS A 569 8.30 4.46 -18.74
CA CYS A 569 8.51 5.86 -18.40
C CYS A 569 9.98 6.16 -18.11
N ILE A 570 10.73 5.17 -17.64
CA ILE A 570 12.15 5.36 -17.34
C ILE A 570 12.95 5.49 -18.65
N PRO A 571 12.93 4.50 -19.56
CA PRO A 571 13.73 4.65 -20.78
C PRO A 571 13.28 5.78 -21.69
N LEU A 572 12.05 6.26 -21.54
CA LEU A 572 11.59 7.37 -22.37
C LEU A 572 12.28 8.69 -22.03
N TYR A 573 12.79 8.81 -20.81
CA TYR A 573 13.55 10.00 -20.42
C TYR A 573 14.88 10.11 -21.16
N ALA A 574 15.35 9.03 -21.77
CA ALA A 574 16.61 9.07 -22.49
C ALA A 574 16.58 9.95 -23.73
N MET A 575 15.41 10.36 -24.20
CA MET A 575 15.33 11.26 -25.33
C MET A 575 15.36 12.72 -24.90
N PHE A 576 15.15 13.01 -23.62
CA PHE A 576 15.26 14.38 -23.13
C PHE A 576 16.70 14.85 -23.06
N ARG A 577 17.67 13.96 -23.18
CA ARG A 577 19.08 14.32 -23.27
C ARG A 577 19.39 14.54 -24.74
N LEU A 578 19.16 15.77 -25.20
CA LEU A 578 19.29 16.10 -26.62
C LEU A 578 20.76 16.13 -27.02
N CYS A 579 21.00 16.44 -28.29
CA CYS A 579 22.37 16.53 -28.81
C CYS A 579 23.13 17.72 -28.26
N ARG A 580 22.45 18.66 -27.59
CA ARG A 580 23.13 19.82 -27.04
C ARG A 580 24.03 19.45 -25.88
N THR A 581 23.67 18.42 -25.11
CA THR A 581 24.46 18.01 -23.95
C THR A 581 25.61 17.12 -24.40
N ASP A 582 26.37 17.57 -25.40
CA ASP A 582 27.42 16.78 -26.03
C ASP A 582 26.94 15.36 -26.32
N GLY A 583 25.80 15.28 -27.02
CA GLY A 583 25.17 13.98 -27.26
C GLY A 583 26.04 13.05 -28.10
N ASP A 584 26.66 13.58 -29.15
CA ASP A 584 27.55 12.79 -29.97
C ASP A 584 28.73 12.29 -29.14
N THR A 585 29.48 11.34 -29.70
CA THR A 585 30.52 10.62 -28.98
C THR A 585 29.94 10.02 -27.69
N LEU A 586 29.06 9.04 -27.91
CA LEU A 586 28.15 8.49 -26.92
C LEU A 586 28.75 8.26 -25.53
N LEU A 587 30.03 7.89 -25.47
CA LEU A 587 30.66 7.71 -24.17
C LEU A 587 30.67 9.00 -23.37
N GLN A 588 31.01 10.12 -24.01
CA GLN A 588 30.98 11.41 -23.32
C GLN A 588 29.57 11.77 -22.89
N ARG A 589 28.59 11.52 -23.76
CA ARG A 589 27.20 11.84 -23.41
C ARG A 589 26.73 11.03 -22.22
N LEU A 590 27.08 9.75 -22.18
CA LEU A 590 26.73 8.93 -21.02
C LEU A 590 27.45 9.42 -19.77
N LYS A 591 28.71 9.85 -19.91
CA LYS A 591 29.44 10.40 -18.78
C LYS A 591 28.75 11.65 -18.24
N ASN A 592 28.30 12.53 -19.13
CA ASN A 592 27.48 13.66 -18.72
C ASN A 592 26.05 13.18 -18.46
N ALA A 593 25.20 14.11 -18.01
CA ALA A 593 23.79 13.85 -17.77
C ALA A 593 23.58 12.79 -16.69
N THR A 594 24.66 12.33 -16.08
CA THR A 594 24.59 11.44 -14.92
C THR A 594 25.48 11.88 -13.77
N LYS A 595 26.48 12.71 -14.01
CA LYS A 595 27.25 13.28 -12.92
C LYS A 595 26.42 14.34 -12.19
N PRO A 596 26.43 14.33 -10.86
CA PRO A 596 25.66 15.34 -10.12
C PRO A 596 26.10 16.75 -10.47
N SER A 597 25.13 17.65 -10.55
CA SER A 597 25.37 19.03 -10.95
C SER A 597 25.80 19.85 -9.74
N ARG A 598 25.85 21.18 -9.90
CA ARG A 598 26.19 22.09 -8.82
C ARG A 598 25.04 22.29 -7.83
N ASP A 599 23.99 21.48 -7.92
CA ASP A 599 22.80 21.68 -7.10
C ASP A 599 22.57 20.55 -6.11
N TRP A 600 22.91 19.31 -6.47
CA TRP A 600 22.68 18.19 -5.57
C TRP A 600 23.46 18.36 -4.28
N GLY A 601 22.84 17.93 -3.18
CA GLY A 601 23.40 18.08 -1.86
C GLY A 601 22.31 18.43 -0.86
N PRO A 602 22.71 18.81 0.35
CA PRO A 602 21.71 19.26 1.33
C PRO A 602 21.03 20.53 0.86
N ALA A 603 19.71 20.57 1.03
CA ALA A 603 18.92 21.72 0.59
C ALA A 603 18.85 22.79 1.66
N LEU A 604 20.02 23.19 2.16
CA LEU A 604 20.12 24.24 3.17
C LEU A 604 21.54 24.78 3.17
N LEU A 605 21.68 26.00 3.67
CA LEU A 605 23.01 26.56 3.91
C LEU A 605 23.50 26.13 5.29
N GLU A 606 24.71 26.60 5.64
CA GLU A 606 25.39 26.32 6.90
C GLU A 606 25.51 24.81 7.15
N HIS A 607 25.24 24.01 6.11
CA HIS A 607 25.37 22.56 6.18
C HIS A 607 26.22 22.03 5.04
N ARG A 608 26.91 22.91 4.31
CA ARG A 608 27.74 22.47 3.19
C ARG A 608 28.92 21.64 3.67
N THR A 609 29.52 22.02 4.81
CA THR A 609 30.63 21.29 5.41
C THR A 609 31.82 21.16 4.46
N GLY A 610 32.12 22.24 3.75
CA GLY A 610 33.34 22.32 2.96
C GLY A 610 33.33 21.54 1.67
N ARG A 611 33.15 20.22 1.75
CA ARG A 611 33.21 19.36 0.58
C ARG A 611 32.13 19.67 -0.44
N TYR A 612 31.01 20.24 0.00
CA TYR A 612 29.94 20.69 -0.89
C TYR A 612 30.02 22.21 -1.00
N ALA A 613 30.14 22.72 -2.23
CA ALA A 613 30.07 24.14 -2.54
C ALA A 613 30.86 25.00 -1.56
N PRO A 614 32.21 24.99 -1.64
CA PRO A 614 33.11 25.75 -0.76
C PRO A 614 32.62 27.16 -0.43
#